data_1YE8
#
_entry.id   1YE8
#
_cell.length_a   35.870
_cell.length_b   64.240
_cell.length_c   39.620
_cell.angle_alpha   90.00
_cell.angle_beta   105.23
_cell.angle_gamma   90.00
#
_symmetry.space_group_name_H-M   'P 1 21 1'
#
loop_
_entity.id
_entity.type
_entity.pdbx_description
1 polymer 'Hypothetical UPF0334 kinase-like protein AQ_1292'
2 non-polymer 'MAGNESIUM ION'
3 non-polymer 'SODIUM ION'
4 non-polymer 'PHOSPHATE ION'
5 water water
#
_entity_poly.entity_id   1
_entity_poly.type   'polypeptide(L)'
_entity_poly.pdbx_seq_one_letter_code
;(MSE)KIIITGEPGVGKTTLVKKIVERLGKRAIGFWTEEVRDPETKKRTGFRIITTEGKKKIFSSKFFTSKKLVGSYGVN
VQYFEELAIPILERAYREAKKDRRKVIIIDEIGK(MSE)ELFSKKFRDLVRQI(MSE)HDPNVNVVATIPIRDVHPLVKE
IRRLPGAVLIELTPENRDVILEDILSLLER
;
_entity_poly.pdbx_strand_id   A
#
# COMPACT_ATOMS: atom_id res chain seq x y z
N LYS A 2 2.29 12.74 -3.10
CA LYS A 2 1.52 11.50 -2.97
C LYS A 2 1.57 10.80 -4.32
N ILE A 3 2.17 9.60 -4.36
CA ILE A 3 2.22 8.80 -5.58
C ILE A 3 1.21 7.67 -5.43
N ILE A 4 0.22 7.64 -6.31
CA ILE A 4 -0.83 6.61 -6.27
C ILE A 4 -0.65 5.74 -7.49
N ILE A 5 -0.37 4.46 -7.26
CA ILE A 5 -0.14 3.49 -8.34
C ILE A 5 -1.35 2.58 -8.43
N THR A 6 -1.93 2.50 -9.63
CA THR A 6 -3.07 1.65 -9.87
C THR A 6 -2.81 0.78 -11.10
N GLY A 7 -3.70 -0.17 -11.36
CA GLY A 7 -3.53 -1.02 -12.53
C GLY A 7 -4.16 -2.38 -12.29
N GLU A 8 -4.17 -3.21 -13.33
CA GLU A 8 -4.87 -4.49 -13.28
C GLU A 8 -4.23 -5.43 -12.25
N PRO A 9 -5.02 -6.34 -11.66
CA PRO A 9 -4.44 -7.37 -10.80
C PRO A 9 -3.34 -8.11 -11.56
N GLY A 10 -2.18 -8.31 -10.94
CA GLY A 10 -1.10 -9.06 -11.56
C GLY A 10 -0.14 -8.27 -12.43
N VAL A 11 -0.41 -6.98 -12.65
CA VAL A 11 0.42 -6.16 -13.52
C VAL A 11 1.81 -5.85 -12.93
N GLY A 12 1.94 -5.90 -11.61
CA GLY A 12 3.22 -5.65 -10.96
C GLY A 12 3.29 -4.47 -10.01
N LYS A 13 2.16 -4.11 -9.40
CA LYS A 13 2.15 -2.97 -8.46
C LYS A 13 3.04 -3.20 -7.24
N THR A 14 2.91 -4.37 -6.61
CA THR A 14 3.78 -4.72 -5.47
C THR A 14 5.25 -4.75 -5.87
N THR A 15 5.54 -5.35 -7.02
CA THR A 15 6.89 -5.42 -7.53
C THR A 15 7.49 -4.04 -7.69
N LEU A 16 6.73 -3.12 -8.26
CA LEU A 16 7.19 -1.75 -8.40
C LEU A 16 7.40 -1.10 -7.02
N VAL A 17 6.43 -1.26 -6.11
CA VAL A 17 6.59 -0.73 -4.76
C VAL A 17 7.88 -1.24 -4.09
N LYS A 18 8.18 -2.53 -4.24
CA LYS A 18 9.41 -3.09 -3.67
C LYS A 18 10.67 -2.44 -4.26
N LYS A 19 10.65 -2.17 -5.56
CA LYS A 19 11.76 -1.48 -6.21
C LYS A 19 11.92 -0.07 -5.63
N ILE A 20 10.79 0.61 -5.40
CA ILE A 20 10.80 1.94 -4.82
C ILE A 20 11.39 1.90 -3.40
N VAL A 21 10.95 0.93 -2.60
CA VAL A 21 11.46 0.76 -1.24
C VAL A 21 12.97 0.55 -1.24
N GLU A 22 13.45 -0.32 -2.13
CA GLU A 22 14.90 -0.59 -2.15
C GLU A 22 15.66 0.69 -2.51
N ARG A 23 15.18 1.41 -3.51
CA ARG A 23 15.83 2.65 -3.90
C ARG A 23 15.83 3.72 -2.81
N LEU A 24 14.72 3.82 -2.09
CA LEU A 24 14.59 4.81 -1.03
C LEU A 24 15.37 4.48 0.25
N GLY A 25 15.71 3.21 0.46
CA GLY A 25 16.47 2.85 1.64
C GLY A 25 15.74 3.20 2.93
N LYS A 26 16.45 3.86 3.84
CA LYS A 26 15.92 4.17 5.15
C LYS A 26 14.83 5.24 5.10
N ARG A 27 14.64 5.84 3.93
CA ARG A 27 13.56 6.82 3.78
C ARG A 27 12.18 6.16 3.78
N ALA A 28 12.11 4.90 3.38
CA ALA A 28 10.82 4.22 3.17
C ALA A 28 10.37 3.53 4.45
N ILE A 29 9.14 3.83 4.90
CA ILE A 29 8.59 3.16 6.09
C ILE A 29 7.14 2.77 5.80
N GLY A 30 6.79 1.50 6.01
CA GLY A 30 5.43 1.06 5.77
C GLY A 30 5.36 -0.42 5.47
N PHE A 31 4.52 -0.81 4.51
CA PHE A 31 4.36 -2.21 4.20
C PHE A 31 3.90 -2.42 2.78
N TRP A 32 4.10 -3.65 2.32
CA TRP A 32 3.51 -4.11 1.07
C TRP A 32 2.86 -5.47 1.28
N THR A 33 2.19 -5.95 0.25
CA THR A 33 1.39 -7.17 0.36
C THR A 33 1.79 -8.14 -0.75
N GLU A 34 2.28 -9.31 -0.36
CA GLU A 34 2.74 -10.30 -1.31
C GLU A 34 1.81 -11.48 -1.37
N GLU A 35 1.69 -12.06 -2.57
CA GLU A 35 0.92 -13.28 -2.73
C GLU A 35 1.62 -14.43 -2.01
N VAL A 36 0.80 -15.31 -1.42
CA VAL A 36 1.29 -16.56 -0.86
C VAL A 36 1.05 -17.62 -1.91
N ARG A 37 2.13 -18.25 -2.36
CA ARG A 37 2.08 -19.26 -3.41
C ARG A 37 2.84 -20.51 -2.99
N ARG A 44 -1.66 -19.68 -6.01
CA ARG A 44 -1.96 -18.64 -4.96
C ARG A 44 -3.06 -19.09 -3.98
N THR A 45 -2.75 -18.99 -2.69
CA THR A 45 -3.69 -19.38 -1.64
C THR A 45 -3.97 -18.27 -0.64
N GLY A 46 -3.22 -17.17 -0.73
CA GLY A 46 -3.42 -16.10 0.23
C GLY A 46 -2.52 -14.92 0.00
N PHE A 47 -2.47 -14.05 1.01
CA PHE A 47 -1.72 -12.80 0.98
C PHE A 47 -1.04 -12.55 2.31
N ARG A 48 0.18 -12.03 2.24
CA ARG A 48 1.04 -11.78 3.38
C ARG A 48 1.41 -10.30 3.42
N ILE A 49 1.23 -9.67 4.58
CA ILE A 49 1.74 -8.32 4.77
C ILE A 49 3.22 -8.43 5.14
N ILE A 50 4.06 -7.61 4.52
CA ILE A 50 5.49 -7.57 4.81
C ILE A 50 5.83 -6.11 5.09
N THR A 51 6.38 -5.81 6.26
CA THR A 51 6.76 -4.44 6.55
C THR A 51 8.17 -4.09 6.10
N THR A 52 8.49 -2.81 6.10
CA THR A 52 9.84 -2.35 5.82
C THR A 52 10.85 -2.78 6.90
N GLU A 53 10.38 -3.39 8.00
CA GLU A 53 11.28 -3.98 9.01
C GLU A 53 11.37 -5.48 8.89
N GLY A 54 10.77 -6.04 7.84
CA GLY A 54 10.87 -7.48 7.60
C GLY A 54 9.91 -8.32 8.41
N LYS A 55 8.95 -7.70 9.09
CA LYS A 55 7.93 -8.47 9.78
C LYS A 55 6.91 -8.95 8.75
N LYS A 56 6.47 -10.20 8.89
CA LYS A 56 5.59 -10.84 7.92
C LYS A 56 4.45 -11.60 8.58
N LYS A 57 3.26 -11.57 7.98
CA LYS A 57 2.14 -12.36 8.47
C LYS A 57 1.11 -12.57 7.38
N ILE A 58 0.64 -13.82 7.24
CA ILE A 58 -0.48 -14.10 6.36
C ILE A 58 -1.75 -13.56 7.03
N PHE A 59 -2.43 -12.64 6.35
CA PHE A 59 -3.66 -12.08 6.88
C PHE A 59 -4.91 -12.41 6.06
N SER A 60 -4.73 -13.02 4.89
CA SER A 60 -5.86 -13.41 4.06
C SER A 60 -5.50 -14.73 3.42
N SER A 61 -6.42 -15.70 3.47
CA SER A 61 -6.11 -17.03 2.96
C SER A 61 -7.37 -17.78 2.60
N LYS A 62 -7.28 -18.63 1.58
CA LYS A 62 -8.31 -19.62 1.28
C LYS A 62 -8.56 -20.59 2.45
N PHE A 63 -7.59 -20.74 3.36
CA PHE A 63 -7.79 -21.60 4.53
C PHE A 63 -8.48 -20.90 5.69
N PHE A 64 -8.55 -19.57 5.66
CA PHE A 64 -9.07 -18.84 6.81
C PHE A 64 -10.58 -18.77 6.81
N THR A 65 -11.19 -19.21 7.92
CA THR A 65 -12.59 -18.97 8.14
C THR A 65 -12.80 -17.52 8.59
N SER A 66 -13.68 -16.80 7.89
CA SER A 66 -13.94 -15.40 8.22
C SER A 66 -15.30 -14.92 7.75
N LYS A 67 -15.86 -13.93 8.45
CA LYS A 67 -17.02 -13.20 7.95
C LYS A 67 -16.61 -12.19 6.89
N LYS A 68 -15.32 -11.85 6.84
CA LYS A 68 -14.78 -10.88 5.90
C LYS A 68 -14.15 -11.66 4.75
N LEU A 69 -14.84 -11.65 3.62
CA LEU A 69 -14.47 -12.47 2.48
C LEU A 69 -14.23 -11.64 1.24
N VAL A 70 -13.19 -11.98 0.48
CA VAL A 70 -13.04 -11.51 -0.89
C VAL A 70 -12.90 -12.78 -1.73
N GLY A 71 -13.98 -13.13 -2.44
CA GLY A 71 -14.09 -14.42 -3.10
C GLY A 71 -13.88 -15.55 -2.12
N SER A 72 -12.89 -16.39 -2.39
CA SER A 72 -12.62 -17.53 -1.52
C SER A 72 -11.62 -17.21 -0.40
N TYR A 73 -11.12 -15.98 -0.37
CA TYR A 73 -10.13 -15.59 0.64
C TYR A 73 -10.80 -15.06 1.90
N GLY A 74 -10.53 -15.69 3.04
CA GLY A 74 -10.98 -15.21 4.34
C GLY A 74 -9.94 -14.25 4.89
N VAL A 75 -10.41 -13.07 5.31
CA VAL A 75 -9.53 -12.02 5.82
C VAL A 75 -9.58 -11.96 7.34
N ASN A 76 -8.39 -12.06 7.95
CA ASN A 76 -8.27 -11.89 9.38
C ASN A 76 -7.79 -10.47 9.67
N VAL A 77 -8.76 -9.63 10.03
CA VAL A 77 -8.52 -8.21 10.24
C VAL A 77 -7.48 -7.99 11.34
N GLN A 78 -7.55 -8.79 12.39
CA GLN A 78 -6.64 -8.69 13.52
C GLN A 78 -5.20 -9.02 13.10
N TYR A 79 -5.02 -10.05 12.28
CA TYR A 79 -3.69 -10.37 11.79
C TYR A 79 -3.11 -9.25 10.95
N PHE A 80 -3.95 -8.66 10.10
CA PHE A 80 -3.54 -7.55 9.28
C PHE A 80 -3.11 -6.37 10.16
N GLU A 81 -3.98 -6.00 11.11
CA GLU A 81 -3.76 -4.84 11.96
C GLU A 81 -2.53 -4.98 12.83
N GLU A 82 -2.24 -6.21 13.26
CA GLU A 82 -1.11 -6.48 14.13
C GLU A 82 0.17 -5.89 13.55
N LEU A 83 0.34 -5.97 12.23
CA LEU A 83 1.53 -5.46 11.57
C LEU A 83 1.29 -4.10 10.92
N ALA A 84 0.11 -3.91 10.30
CA ALA A 84 -0.14 -2.69 9.52
C ALA A 84 -0.21 -1.45 10.39
N ILE A 85 -0.92 -1.53 11.52
CA ILE A 85 -1.20 -0.31 12.27
C ILE A 85 0.05 0.28 12.92
N PRO A 86 0.84 -0.51 13.66
CA PRO A 86 2.00 0.10 14.30
C PRO A 86 3.02 0.63 13.27
N ILE A 87 3.23 -0.07 12.16
CA ILE A 87 4.21 0.46 11.21
C ILE A 87 3.71 1.75 10.53
N LEU A 88 2.41 1.85 10.26
CA LEU A 88 1.89 3.09 9.68
C LEU A 88 1.86 4.24 10.68
N GLU A 89 1.56 3.95 11.95
CA GLU A 89 1.59 5.01 12.96
C GLU A 89 3.00 5.56 13.11
N ARG A 90 3.99 4.66 13.12
CA ARG A 90 5.40 5.07 13.13
C ARG A 90 5.76 5.86 11.88
N ALA A 91 5.37 5.34 10.71
CA ALA A 91 5.68 6.02 9.45
C ALA A 91 5.13 7.45 9.44
N TYR A 92 3.90 7.62 9.91
CA TYR A 92 3.25 8.94 9.95
C TYR A 92 3.96 9.87 10.93
N ARG A 93 4.28 9.39 12.14
CA ARG A 93 5.03 10.25 13.07
C ARG A 93 6.36 10.69 12.45
N GLU A 94 7.09 9.74 11.88
CA GLU A 94 8.42 10.06 11.36
C GLU A 94 8.34 10.97 10.15
N ALA A 95 7.38 10.72 9.26
CA ALA A 95 7.25 11.47 8.01
C ALA A 95 6.80 12.92 8.23
N LYS A 96 6.06 13.18 9.31
CA LYS A 96 5.65 14.55 9.62
C LYS A 96 6.85 15.38 10.03
N LYS A 97 7.83 14.76 10.68
CA LYS A 97 9.01 15.50 11.17
C LYS A 97 10.14 15.55 10.15
N ASP A 98 10.24 14.54 9.30
CA ASP A 98 11.33 14.42 8.33
C ASP A 98 10.72 14.24 6.95
N ARG A 99 10.75 15.30 6.15
CA ARG A 99 10.15 15.28 4.83
C ARG A 99 10.90 14.39 3.83
N ARG A 100 12.06 13.85 4.22
CA ARG A 100 12.74 12.87 3.38
C ARG A 100 12.05 11.51 3.45
N LYS A 101 11.32 11.26 4.53
CA LYS A 101 10.65 9.98 4.70
C LYS A 101 9.44 9.86 3.77
N VAL A 102 9.21 8.62 3.36
CA VAL A 102 8.12 8.28 2.46
C VAL A 102 7.35 7.11 3.06
N ILE A 103 6.06 7.32 3.29
CA ILE A 103 5.18 6.28 3.82
C ILE A 103 4.80 5.33 2.69
N ILE A 104 4.85 4.02 2.96
CA ILE A 104 4.61 2.99 1.94
C ILE A 104 3.35 2.21 2.29
N ILE A 105 2.36 2.18 1.38
CA ILE A 105 1.09 1.49 1.69
C ILE A 105 0.64 0.68 0.47
N ASP A 106 0.99 -0.61 0.43
CA ASP A 106 0.51 -1.49 -0.64
C ASP A 106 -0.21 -2.64 0.06
N GLU A 107 -1.54 -2.74 -0.04
CA GLU A 107 -2.41 -2.02 -0.94
C GLU A 107 -3.57 -1.42 -0.16
N ILE A 108 -4.07 -0.28 -0.61
CA ILE A 108 -5.35 0.22 -0.13
C ILE A 108 -6.41 -0.50 -0.96
N GLY A 109 -6.69 -1.74 -0.59
CA GLY A 109 -7.56 -2.61 -1.35
C GLY A 109 -8.66 -3.21 -0.50
N LYS A 110 -9.54 -3.97 -1.14
CA LYS A 110 -10.71 -4.52 -0.47
C LYS A 110 -10.36 -5.34 0.79
N GLU A 112 -7.71 -5.15 2.77
CA GLU A 112 -7.18 -4.30 3.84
C GLU A 112 -8.27 -3.39 4.43
N LEU A 113 -9.20 -2.98 3.60
CA LEU A 113 -10.21 -1.98 3.98
C LEU A 113 -11.29 -2.53 4.91
N PHE A 114 -11.28 -3.84 5.19
CA PHE A 114 -12.14 -4.38 6.24
C PHE A 114 -11.73 -3.84 7.61
N SER A 115 -10.52 -3.30 7.74
CA SER A 115 -10.06 -2.75 9.03
C SER A 115 -10.44 -1.28 9.17
N LYS A 116 -11.27 -0.98 10.15
CA LYS A 116 -11.67 0.40 10.45
C LYS A 116 -10.45 1.21 10.84
N LYS A 117 -9.59 0.63 11.68
CA LYS A 117 -8.39 1.33 12.08
C LYS A 117 -7.56 1.72 10.86
N PHE A 118 -7.44 0.81 9.90
CA PHE A 118 -6.70 1.09 8.67
C PHE A 118 -7.39 2.19 7.85
N ARG A 119 -8.70 2.10 7.67
CA ARG A 119 -9.41 3.14 6.93
C ARG A 119 -9.18 4.53 7.53
N ASP A 120 -9.29 4.64 8.84
CA ASP A 120 -9.17 5.93 9.51
C ASP A 120 -7.76 6.48 9.39
N LEU A 121 -6.76 5.61 9.60
CA LEU A 121 -5.38 6.04 9.51
C LEU A 121 -4.98 6.40 8.07
N VAL A 122 -5.45 5.61 7.09
CA VAL A 122 -5.25 5.96 5.68
C VAL A 122 -5.82 7.34 5.34
N ARG A 123 -7.06 7.61 5.79
CA ARG A 123 -7.67 8.92 5.53
C ARG A 123 -6.84 10.05 6.14
N GLN A 124 -6.36 9.86 7.37
CA GLN A 124 -5.54 10.87 8.02
C GLN A 124 -4.27 11.12 7.21
N ILE A 125 -3.59 10.05 6.82
CA ILE A 125 -2.33 10.18 6.10
C ILE A 125 -2.50 10.78 4.71
N HIS A 127 -4.73 12.67 3.37
CA HIS A 127 -5.21 14.04 3.28
C HIS A 127 -4.30 15.02 4.01
N ASP A 128 -3.20 14.52 4.57
CA ASP A 128 -2.23 15.38 5.24
C ASP A 128 -1.23 15.86 4.20
N PRO A 129 -1.24 17.15 3.90
CA PRO A 129 -0.33 17.71 2.87
C PRO A 129 1.15 17.58 3.25
N ASN A 130 1.46 17.39 4.53
CA ASN A 130 2.83 17.48 5.04
C ASN A 130 3.62 16.18 5.03
N VAL A 131 3.10 15.14 4.39
CA VAL A 131 3.81 13.87 4.32
C VAL A 131 3.86 13.33 2.91
N ASN A 132 4.95 12.62 2.59
CA ASN A 132 5.08 11.92 1.33
C ASN A 132 4.62 10.47 1.44
N VAL A 133 3.95 9.98 0.39
CA VAL A 133 3.38 8.63 0.39
C VAL A 133 3.49 7.99 -0.97
N VAL A 134 3.80 6.69 -0.99
CA VAL A 134 3.59 5.84 -2.17
C VAL A 134 2.56 4.79 -1.79
N ALA A 135 1.44 4.77 -2.50
CA ALA A 135 0.34 3.84 -2.16
C ALA A 135 -0.19 3.22 -3.44
N THR A 136 -0.79 2.04 -3.31
CA THR A 136 -1.43 1.40 -4.44
C THR A 136 -2.93 1.27 -4.17
N ILE A 137 -3.69 1.30 -5.25
CA ILE A 137 -5.12 1.03 -5.22
C ILE A 137 -5.52 0.17 -6.41
N PRO A 138 -6.58 -0.60 -6.26
CA PRO A 138 -7.09 -1.37 -7.40
C PRO A 138 -7.62 -0.45 -8.49
N ILE A 139 -7.74 -1.01 -9.69
CA ILE A 139 -8.19 -0.22 -10.85
C ILE A 139 -9.69 0.03 -10.85
N ARG A 140 -10.44 -0.78 -10.11
CA ARG A 140 -11.87 -0.58 -9.95
C ARG A 140 -12.18 0.03 -8.58
N ASP A 141 -13.27 0.77 -8.49
CA ASP A 141 -13.67 1.40 -7.23
C ASP A 141 -14.41 0.41 -6.34
N VAL A 142 -13.66 -0.50 -5.74
CA VAL A 142 -14.22 -1.63 -4.99
C VAL A 142 -14.70 -1.24 -3.60
N HIS A 143 -14.40 -0.02 -3.17
CA HIS A 143 -14.75 0.51 -1.86
C HIS A 143 -14.73 2.03 -1.96
N PRO A 144 -15.60 2.75 -1.25
CA PRO A 144 -15.56 4.22 -1.35
C PRO A 144 -14.21 4.88 -1.04
N LEU A 145 -13.40 4.31 -0.15
CA LEU A 145 -12.09 4.91 0.11
C LEU A 145 -11.13 4.78 -1.09
N VAL A 146 -11.28 3.70 -1.87
CA VAL A 146 -10.50 3.57 -3.11
C VAL A 146 -10.86 4.72 -4.07
N LYS A 147 -12.16 5.02 -4.22
CA LYS A 147 -12.60 6.13 -5.09
C LYS A 147 -12.05 7.46 -4.59
N GLU A 148 -12.11 7.65 -3.27
CA GLU A 148 -11.61 8.85 -2.61
C GLU A 148 -10.13 9.08 -2.91
N ILE A 149 -9.34 8.01 -2.82
CA ILE A 149 -7.91 8.09 -3.08
C ILE A 149 -7.61 8.29 -4.57
N ARG A 150 -8.38 7.62 -5.44
CA ARG A 150 -8.19 7.79 -6.87
C ARG A 150 -8.34 9.26 -7.28
N ARG A 151 -9.26 9.96 -6.63
CA ARG A 151 -9.50 11.37 -6.95
C ARG A 151 -8.78 12.37 -6.02
N LEU A 152 -7.82 11.90 -5.22
CA LEU A 152 -7.10 12.76 -4.29
C LEU A 152 -6.46 13.97 -5.00
N PRO A 153 -6.89 15.20 -4.69
CA PRO A 153 -6.29 16.39 -5.31
C PRO A 153 -4.77 16.49 -5.11
N GLY A 154 -4.03 16.87 -6.15
CA GLY A 154 -2.59 17.08 -6.05
C GLY A 154 -1.76 15.82 -6.19
N ALA A 155 -2.41 14.66 -6.15
CA ALA A 155 -1.67 13.41 -6.21
C ALA A 155 -1.16 13.12 -7.62
N VAL A 156 -0.13 12.29 -7.67
CA VAL A 156 0.38 11.78 -8.93
C VAL A 156 -0.31 10.42 -9.10
N LEU A 157 -1.11 10.29 -10.15
CA LEU A 157 -1.85 9.03 -10.38
C LEU A 157 -1.20 8.32 -11.57
N ILE A 158 -0.70 7.12 -11.33
CA ILE A 158 0.00 6.35 -12.36
C ILE A 158 -0.74 5.04 -12.61
N GLU A 159 -1.15 4.84 -13.86
CA GLU A 159 -1.75 3.58 -14.28
C GLU A 159 -0.65 2.70 -14.80
N LEU A 160 -0.28 1.71 -13.99
CA LEU A 160 0.84 0.81 -14.30
C LEU A 160 0.38 -0.21 -15.31
N THR A 161 1.17 -0.41 -16.36
CA THR A 161 0.83 -1.34 -17.44
C THR A 161 2.05 -2.17 -17.84
N PRO A 162 1.86 -3.21 -18.64
CA PRO A 162 3.01 -3.95 -19.17
C PRO A 162 3.94 -3.07 -20.02
N GLU A 163 3.42 -1.99 -20.59
CA GLU A 163 4.17 -1.11 -21.49
C GLU A 163 4.94 0.02 -20.81
N ASN A 164 4.61 0.33 -19.54
CA ASN A 164 5.37 1.34 -18.81
C ASN A 164 6.06 0.80 -17.55
N ARG A 165 5.76 -0.45 -17.23
CA ARG A 165 6.34 -1.23 -16.12
C ARG A 165 7.85 -0.98 -15.89
N ASP A 166 8.60 -1.05 -16.98
CA ASP A 166 10.06 -1.08 -16.92
C ASP A 166 10.70 0.30 -17.06
N VAL A 167 9.87 1.33 -17.25
CA VAL A 167 10.36 2.70 -17.42
C VAL A 167 9.85 3.66 -16.32
N ILE A 168 8.73 3.30 -15.70
CA ILE A 168 8.05 4.24 -14.79
C ILE A 168 8.80 4.57 -13.49
N LEU A 169 9.67 3.68 -13.03
CA LEU A 169 10.38 3.88 -11.77
C LEU A 169 11.08 5.24 -11.64
N GLU A 170 11.84 5.65 -12.66
CA GLU A 170 12.60 6.90 -12.60
C GLU A 170 11.74 8.16 -12.57
N ASP A 171 10.60 8.14 -13.26
CA ASP A 171 9.63 9.22 -13.21
C ASP A 171 9.19 9.42 -11.75
N ILE A 172 8.83 8.32 -11.10
CA ILE A 172 8.40 8.32 -9.71
C ILE A 172 9.52 8.83 -8.79
N LEU A 173 10.71 8.26 -8.93
CA LEU A 173 11.83 8.62 -8.05
C LEU A 173 12.28 10.08 -8.19
N SER A 174 12.19 10.63 -9.41
CA SER A 174 12.46 12.06 -9.61
C SER A 174 11.46 12.95 -8.87
N LEU A 175 10.18 12.59 -8.94
CA LEU A 175 9.12 13.36 -8.27
C LEU A 175 9.29 13.35 -6.76
N LEU A 176 9.68 12.20 -6.21
CA LEU A 176 10.13 12.13 -4.83
C LEU A 176 11.50 12.80 -4.82
N GLU A 177 12.01 13.25 -3.68
CA GLU A 177 13.32 13.90 -3.74
C GLU A 177 14.40 12.85 -4.08
N ARG A 178 15.42 13.24 -4.84
CA ARG A 178 16.52 12.32 -5.15
C ARG A 178 17.21 11.82 -3.88
#